data_3DAL
#
_entry.id   3DAL
#
_cell.length_a   64.834
_cell.length_b   64.960
_cell.length_c   112.663
_cell.angle_alpha   90.000
_cell.angle_beta   90.000
_cell.angle_gamma   90.000
#
_symmetry.space_group_name_H-M   'P 21 21 21'
#
loop_
_entity.id
_entity.type
_entity.pdbx_description
1 polymer 'PR domain zinc finger protein 1'
2 water water
#
_entity_poly.entity_id   1
_entity_poly.type   'polypeptide(L)'
_entity_poly.pdbx_seq_one_letter_code
;SSGLVPRGSKKMDMEDADMTLWTEAEFEEKCTYIVNDHPWDSGADGGTSVQAEASLPRNLLFKYATNSEEVIGVMSKEYI
PKGTRFGPLIGEIYTNDTVPKNANRKYFWRIYSRGELHHFIDGFNEEKSNWMRYVNPAHSPREQNLAACQNGMNIYFYTI
KPIPANQELLVWYCRDFAERLHYPYPGELTMMNLTQ
;
_entity_poly.pdbx_strand_id   A,B
#
# COMPACT_ATOMS: atom_id res chain seq x y z
N SER A 1 -22.72 -21.06 -2.65
CA SER A 1 -23.67 -21.21 -1.50
C SER A 1 -23.13 -22.17 -0.39
N SER A 2 -23.37 -23.47 -0.57
CA SER A 2 -22.81 -24.53 0.28
C SER A 2 -22.02 -25.49 -0.61
N GLY A 3 -21.01 -26.13 -0.02
CA GLY A 3 -20.41 -27.34 -0.63
C GLY A 3 -19.30 -27.10 -1.64
N LEU A 4 -19.17 -28.05 -2.56
CA LEU A 4 -18.07 -28.13 -3.52
C LEU A 4 -17.84 -26.89 -4.35
N VAL A 5 -18.94 -26.22 -4.73
CA VAL A 5 -18.83 -24.99 -5.54
C VAL A 5 -18.14 -23.81 -4.82
N PRO A 6 -18.72 -23.30 -3.71
CA PRO A 6 -18.00 -22.22 -2.98
C PRO A 6 -16.64 -22.66 -2.43
N ARG A 7 -16.51 -23.95 -2.12
CA ARG A 7 -15.26 -24.50 -1.60
C ARG A 7 -14.12 -24.29 -2.60
N GLY A 8 -14.38 -24.64 -3.86
CA GLY A 8 -13.35 -24.71 -4.88
C GLY A 8 -12.28 -25.68 -4.41
N SER A 9 -11.09 -25.61 -5.02
CA SER A 9 -9.96 -26.47 -4.66
C SER A 9 -8.93 -25.75 -3.78
N LYS A 10 -8.32 -26.52 -2.86
CA LYS A 10 -7.22 -25.99 -2.03
C LYS A 10 -5.90 -26.15 -2.78
N ALA A 17 -3.62 -17.86 3.74
CA ALA A 17 -3.75 -16.55 4.36
C ALA A 17 -2.84 -16.33 5.57
N ASP A 18 -2.34 -17.42 6.16
CA ASP A 18 -1.40 -17.36 7.29
C ASP A 18 -0.01 -17.11 6.72
N MET A 19 0.60 -15.97 7.06
CA MET A 19 1.89 -15.56 6.42
C MET A 19 3.13 -16.11 7.12
N THR A 20 2.90 -16.89 8.17
CA THR A 20 3.98 -17.32 9.07
C THR A 20 5.10 -18.00 8.30
N LEU A 21 4.72 -18.90 7.39
CA LEU A 21 5.71 -19.70 6.64
C LEU A 21 5.90 -19.27 5.19
N TRP A 22 5.41 -18.07 4.83
CA TRP A 22 5.60 -17.55 3.46
C TRP A 22 7.10 -17.44 3.17
N THR A 23 7.46 -17.73 1.92
CA THR A 23 8.79 -17.41 1.40
C THR A 23 8.90 -15.88 1.11
N GLU A 24 10.14 -15.41 0.97
CA GLU A 24 10.38 -13.97 0.62
C GLU A 24 9.70 -13.59 -0.70
N ALA A 25 9.74 -14.52 -1.65
CA ALA A 25 9.04 -14.33 -2.90
C ALA A 25 7.54 -14.17 -2.74
N GLU A 26 6.94 -15.01 -1.88
CA GLU A 26 5.51 -14.90 -1.56
C GLU A 26 5.17 -13.55 -0.96
N PHE A 27 5.96 -13.06 0.00
CA PHE A 27 5.65 -11.74 0.56
C PHE A 27 5.61 -10.66 -0.53
N GLU A 28 6.59 -10.69 -1.43
CA GLU A 28 6.70 -9.65 -2.46
C GLU A 28 5.54 -9.75 -3.44
N GLU A 29 5.19 -10.99 -3.79
N GLU A 29 5.18 -10.99 -3.79
CA GLU A 29 4.14 -11.23 -4.78
CA GLU A 29 4.13 -11.27 -4.81
C GLU A 29 2.76 -10.89 -4.22
C GLU A 29 2.69 -11.14 -4.28
N LYS A 30 2.51 -11.29 -2.98
CA LYS A 30 1.19 -11.30 -2.37
C LYS A 30 0.91 -10.14 -1.42
N CYS A 31 1.86 -9.23 -1.21
CA CYS A 31 1.54 -8.11 -0.32
C CYS A 31 0.46 -7.27 -1.00
N THR A 32 -0.30 -6.59 -0.16
CA THR A 32 -1.46 -5.79 -0.66
C THR A 32 -1.17 -4.31 -0.75
N TYR A 33 -0.55 -3.75 0.30
CA TYR A 33 -0.32 -2.29 0.38
C TYR A 33 1.17 -2.05 0.42
N ILE A 34 1.63 -1.00 -0.25
CA ILE A 34 2.98 -0.47 -0.10
C ILE A 34 2.96 0.90 0.53
N VAL A 35 3.80 1.09 1.57
CA VAL A 35 4.00 2.37 2.22
C VAL A 35 5.47 2.80 1.98
N ASN A 36 5.65 3.91 1.28
CA ASN A 36 6.98 4.49 1.12
C ASN A 36 7.32 5.39 2.30
N ASP A 37 8.64 5.62 2.50
CA ASP A 37 9.10 6.58 3.51
C ASP A 37 8.55 7.96 3.21
N HIS A 38 8.43 8.75 4.27
CA HIS A 38 8.11 10.16 4.13
C HIS A 38 9.23 10.85 3.35
N PRO A 39 8.85 11.66 2.34
CA PRO A 39 9.94 12.43 1.72
C PRO A 39 10.27 13.63 2.62
N TRP A 40 11.54 13.84 2.98
CA TRP A 40 12.60 12.82 2.84
C TRP A 40 13.67 12.86 3.97
N ASP A 41 14.01 14.06 4.43
CA ASP A 41 15.30 14.38 5.06
C ASP A 41 16.32 13.23 5.20
N VAL A 50 16.86 14.96 11.30
CA VAL A 50 17.76 13.89 10.89
C VAL A 50 17.00 12.80 10.09
N GLN A 51 17.69 12.17 9.13
CA GLN A 51 17.08 11.21 8.23
C GLN A 51 16.29 10.13 8.95
N ALA A 52 16.86 9.53 10.00
CA ALA A 52 16.15 8.42 10.66
C ALA A 52 14.76 8.83 11.23
N GLU A 53 14.65 10.07 11.70
CA GLU A 53 13.37 10.56 12.19
C GLU A 53 12.47 11.10 11.07
N ALA A 54 13.04 11.93 10.19
CA ALA A 54 12.28 12.60 9.13
C ALA A 54 11.62 11.66 8.13
N SER A 55 12.20 10.45 7.99
CA SER A 55 11.74 9.48 7.00
C SER A 55 10.51 8.70 7.44
N LEU A 56 10.09 8.86 8.71
CA LEU A 56 9.02 8.03 9.26
C LEU A 56 7.72 8.28 8.49
N PRO A 57 7.10 7.23 7.94
CA PRO A 57 5.83 7.34 7.18
C PRO A 57 4.69 7.97 8.01
N ARG A 58 3.80 8.70 7.31
CA ARG A 58 2.71 9.44 8.00
C ARG A 58 1.72 8.58 8.80
N ASN A 59 1.70 7.27 8.58
CA ASN A 59 0.82 6.38 9.34
C ASN A 59 1.44 5.82 10.64
N LEU A 60 2.64 6.30 10.95
CA LEU A 60 3.40 5.84 12.15
C LEU A 60 3.79 7.04 13.04
N LEU A 61 4.11 6.71 14.29
CA LEU A 61 4.62 7.69 15.27
C LEU A 61 5.72 7.01 16.01
N PHE A 62 6.60 7.81 16.60
CA PHE A 62 7.64 7.24 17.50
C PHE A 62 7.12 7.05 18.89
N LYS A 63 7.65 6.06 19.59
N LYS A 63 7.64 6.02 19.56
CA LYS A 63 7.49 5.91 21.02
CA LYS A 63 7.59 5.84 21.01
C LYS A 63 8.75 6.47 21.67
C LYS A 63 8.77 6.61 21.57
N TYR A 64 8.56 7.33 22.68
CA TYR A 64 9.65 8.08 23.32
C TYR A 64 9.85 7.61 24.74
N ALA A 65 11.10 7.67 25.21
CA ALA A 65 11.40 7.47 26.61
C ALA A 65 10.69 8.54 27.43
N THR A 66 10.28 8.15 28.62
CA THR A 66 9.49 9.04 29.47
C THR A 66 10.25 10.36 29.73
N ASN A 67 9.52 11.48 29.61
CA ASN A 67 10.07 12.83 29.81
C ASN A 67 11.28 13.13 28.90
N SER A 68 11.31 12.54 27.71
CA SER A 68 12.55 12.57 26.92
C SER A 68 12.16 12.68 25.46
N GLU A 69 13.13 13.07 24.63
CA GLU A 69 12.92 13.15 23.16
C GLU A 69 13.63 11.95 22.52
N GLU A 70 14.14 11.06 23.37
CA GLU A 70 14.79 9.84 22.90
C GLU A 70 13.74 8.85 22.33
N VAL A 71 13.93 8.45 21.08
CA VAL A 71 13.09 7.42 20.47
C VAL A 71 13.44 6.01 20.95
N ILE A 72 12.42 5.25 21.37
CA ILE A 72 12.64 3.91 21.86
C ILE A 72 11.83 2.81 21.16
N GLY A 73 11.10 3.16 20.09
CA GLY A 73 10.31 2.20 19.34
C GLY A 73 9.46 2.96 18.33
N VAL A 74 8.68 2.17 17.58
CA VAL A 74 7.78 2.72 16.58
C VAL A 74 6.37 2.18 16.80
N MET A 75 5.37 3.08 16.71
CA MET A 75 3.96 2.73 16.95
C MET A 75 3.14 3.07 15.71
N SER A 76 2.00 2.42 15.56
CA SER A 76 1.06 2.82 14.51
C SER A 76 0.33 4.12 14.95
N LYS A 77 0.10 5.04 14.01
CA LYS A 77 -0.76 6.22 14.22
C LYS A 77 -2.24 5.92 13.97
N GLU A 78 -2.48 4.86 13.21
CA GLU A 78 -3.79 4.50 12.66
C GLU A 78 -3.78 2.99 12.43
N TYR A 79 -4.91 2.42 12.05
CA TYR A 79 -5.00 0.99 11.76
C TYR A 79 -4.14 0.70 10.54
N ILE A 80 -3.19 -0.22 10.68
N ILE A 80 -3.19 -0.23 10.70
CA ILE A 80 -2.36 -0.63 9.54
CA ILE A 80 -2.31 -0.69 9.61
C ILE A 80 -2.80 -2.02 9.09
C ILE A 80 -2.82 -2.05 9.12
N PRO A 81 -3.25 -2.14 7.84
CA PRO A 81 -3.75 -3.45 7.40
C PRO A 81 -2.68 -4.55 7.38
N LYS A 82 -3.13 -5.80 7.52
CA LYS A 82 -2.25 -6.96 7.22
C LYS A 82 -1.78 -6.88 5.78
N GLY A 83 -0.55 -7.35 5.51
CA GLY A 83 -0.08 -7.34 4.13
C GLY A 83 0.38 -5.98 3.64
N THR A 84 0.95 -5.17 4.55
CA THR A 84 1.47 -3.85 4.21
C THR A 84 3.02 -3.93 4.21
N ARG A 85 3.64 -3.42 3.17
CA ARG A 85 5.11 -3.42 3.09
C ARG A 85 5.67 -2.03 3.45
N PHE A 86 6.67 -2.02 4.33
CA PHE A 86 7.49 -0.86 4.64
C PHE A 86 8.91 -1.09 4.15
N GLY A 87 9.57 0.01 3.78
CA GLY A 87 10.95 -0.11 3.39
C GLY A 87 11.14 0.45 2.01
N PRO A 88 12.36 0.29 1.47
CA PRO A 88 13.42 -0.57 1.97
C PRO A 88 14.18 0.07 3.17
N LEU A 89 14.85 -0.78 3.94
N LEU A 89 14.80 -0.81 3.94
CA LEU A 89 15.79 -0.30 4.92
CA LEU A 89 15.67 -0.48 5.05
C LEU A 89 16.84 0.60 4.24
C LEU A 89 16.93 0.26 4.53
N ILE A 90 17.24 1.66 4.93
N ILE A 90 17.20 1.42 5.13
CA ILE A 90 18.39 2.46 4.53
CA ILE A 90 18.31 2.32 4.73
C ILE A 90 19.39 2.53 5.70
C ILE A 90 19.40 2.34 5.81
N GLY A 91 20.66 2.28 5.39
CA GLY A 91 21.77 2.39 6.33
C GLY A 91 23.11 2.39 5.59
N GLU A 92 24.17 2.56 6.35
CA GLU A 92 25.52 2.41 5.76
C GLU A 92 25.78 0.99 5.40
N ILE A 93 26.49 0.76 4.29
N ILE A 93 26.54 0.81 4.32
CA ILE A 93 26.73 -0.60 3.83
CA ILE A 93 26.84 -0.51 3.81
C ILE A 93 28.21 -0.98 3.92
C ILE A 93 28.29 -0.88 4.13
N TYR A 94 28.47 -2.11 4.60
CA TYR A 94 29.82 -2.64 4.86
C TYR A 94 29.96 -4.03 4.29
N THR A 95 31.16 -4.36 3.78
CA THR A 95 31.47 -5.78 3.50
C THR A 95 32.38 -6.21 4.63
N ASN A 96 32.73 -7.50 4.69
CA ASN A 96 33.73 -7.96 5.63
C ASN A 96 35.04 -7.18 5.42
N ASP A 97 35.37 -6.92 4.16
CA ASP A 97 36.56 -6.15 3.75
C ASP A 97 36.56 -4.66 4.08
N THR A 98 35.40 -4.10 4.47
CA THR A 98 35.27 -2.65 4.75
C THR A 98 34.63 -2.30 6.11
N VAL A 99 34.13 -3.29 6.87
CA VAL A 99 33.44 -3.04 8.17
C VAL A 99 34.39 -2.42 9.19
N PRO A 100 34.02 -1.28 9.79
CA PRO A 100 34.87 -0.67 10.83
C PRO A 100 34.82 -1.40 12.18
N ASN A 104 30.05 -1.85 16.68
CA ASN A 104 28.72 -2.05 17.28
C ASN A 104 27.74 -2.56 16.23
N ARG A 105 27.36 -3.84 16.33
CA ARG A 105 26.53 -4.54 15.34
C ARG A 105 25.05 -4.60 15.70
N LYS A 106 24.62 -3.78 16.67
CA LYS A 106 23.23 -3.80 17.13
C LYS A 106 22.21 -3.56 15.99
N TYR A 107 22.61 -2.74 15.03
CA TYR A 107 21.67 -2.35 13.99
C TYR A 107 22.07 -2.92 12.64
N PHE A 108 22.82 -4.01 12.65
CA PHE A 108 23.26 -4.67 11.43
C PHE A 108 22.21 -5.64 10.89
N TRP A 109 22.04 -5.57 9.57
CA TRP A 109 21.23 -6.51 8.82
C TRP A 109 22.10 -7.12 7.71
N ARG A 110 21.93 -8.41 7.47
CA ARG A 110 22.73 -9.13 6.46
C ARG A 110 21.99 -9.22 5.14
N ILE A 111 22.74 -9.00 4.04
CA ILE A 111 22.25 -9.18 2.71
C ILE A 111 23.08 -10.33 2.06
N TYR A 112 22.38 -11.31 1.49
CA TYR A 112 23.00 -12.49 0.88
C TYR A 112 22.84 -12.44 -0.65
N SER A 113 23.79 -13.08 -1.33
CA SER A 113 23.72 -13.20 -2.77
C SER A 113 24.17 -14.61 -3.13
N ARG A 114 23.31 -15.34 -3.83
CA ARG A 114 23.60 -16.72 -4.22
C ARG A 114 24.03 -17.58 -3.02
N GLY A 115 23.23 -17.52 -1.95
CA GLY A 115 23.49 -18.30 -0.75
C GLY A 115 24.69 -17.91 0.09
N GLU A 116 25.37 -16.81 -0.25
CA GLU A 116 26.53 -16.39 0.51
C GLU A 116 26.35 -14.95 1.02
N LEU A 117 26.83 -14.69 2.23
CA LEU A 117 26.77 -13.37 2.79
C LEU A 117 27.50 -12.42 1.84
N HIS A 118 26.85 -11.29 1.50
CA HIS A 118 27.44 -10.33 0.60
C HIS A 118 27.84 -9.05 1.33
N HIS A 119 26.91 -8.44 2.07
CA HIS A 119 27.24 -7.23 2.78
C HIS A 119 26.27 -7.00 3.94
N PHE A 120 26.57 -5.98 4.73
CA PHE A 120 25.77 -5.60 5.89
C PHE A 120 25.18 -4.23 5.65
N ILE A 121 23.91 -4.04 6.04
CA ILE A 121 23.33 -2.71 6.12
C ILE A 121 23.31 -2.35 7.61
N ASP A 122 23.90 -1.21 7.96
CA ASP A 122 24.06 -0.85 9.35
C ASP A 122 23.26 0.41 9.65
N GLY A 123 22.26 0.28 10.51
CA GLY A 123 21.39 1.41 10.82
C GLY A 123 21.84 2.29 12.01
N PHE A 124 23.07 2.11 12.48
CA PHE A 124 23.50 2.80 13.68
C PHE A 124 23.48 4.32 13.52
N ASN A 125 24.01 4.82 12.42
CA ASN A 125 24.15 6.27 12.25
C ASN A 125 22.81 6.89 11.82
N GLU A 126 22.18 7.68 12.71
CA GLU A 126 20.81 8.19 12.38
C GLU A 126 20.78 9.19 11.23
N GLU A 127 21.94 9.78 10.90
CA GLU A 127 22.03 10.71 9.76
C GLU A 127 22.05 9.96 8.42
N LYS A 128 22.41 8.68 8.46
CA LYS A 128 22.57 7.85 7.24
C LYS A 128 21.65 6.65 7.17
N SER A 129 20.62 6.63 8.03
N SER A 129 20.61 6.65 8.00
CA SER A 129 19.71 5.47 8.11
CA SER A 129 19.71 5.50 8.07
C SER A 129 18.27 5.95 8.25
C SER A 129 18.28 6.04 8.02
N ASN A 130 17.31 5.15 7.79
CA ASN A 130 15.91 5.54 7.93
C ASN A 130 15.30 5.02 9.24
N TRP A 131 14.00 5.29 9.39
CA TRP A 131 13.27 5.06 10.65
C TRP A 131 13.20 3.59 11.05
N MET A 132 13.43 2.67 10.09
CA MET A 132 13.31 1.24 10.39
C MET A 132 14.32 0.77 11.44
N ARG A 133 15.42 1.52 11.61
CA ARG A 133 16.37 1.19 12.69
C ARG A 133 15.72 1.23 14.11
N TYR A 134 14.63 1.99 14.26
CA TYR A 134 13.98 2.13 15.58
C TYR A 134 12.98 1.05 15.91
N VAL A 135 12.64 0.21 14.94
CA VAL A 135 11.71 -0.86 15.20
C VAL A 135 12.34 -1.96 16.04
N ASN A 136 11.72 -2.24 17.17
CA ASN A 136 12.19 -3.27 18.08
C ASN A 136 11.80 -4.70 17.66
N PRO A 137 12.59 -5.70 18.10
CA PRO A 137 12.30 -7.09 17.75
C PRO A 137 11.18 -7.65 18.62
N ALA A 138 10.39 -8.55 18.04
CA ALA A 138 9.33 -9.23 18.79
C ALA A 138 10.03 -10.20 19.75
N HIS A 139 9.48 -10.34 20.97
CA HIS A 139 10.00 -11.34 21.91
C HIS A 139 9.46 -12.76 21.76
N SER A 140 8.34 -12.88 21.04
CA SER A 140 7.60 -14.12 20.90
C SER A 140 6.78 -14.09 19.59
N PRO A 141 6.41 -15.28 19.09
CA PRO A 141 5.51 -15.31 17.96
C PRO A 141 4.26 -14.49 18.18
N ARG A 142 3.74 -14.48 19.42
CA ARG A 142 2.46 -13.84 19.68
C ARG A 142 2.62 -12.31 19.50
N GLU A 143 3.80 -11.78 19.84
CA GLU A 143 4.05 -10.33 19.77
C GLU A 143 4.38 -9.82 18.35
N GLN A 144 4.88 -10.72 17.52
CA GLN A 144 5.33 -10.27 16.17
C GLN A 144 4.18 -9.76 15.34
N ASN A 145 4.36 -8.59 14.74
CA ASN A 145 3.41 -8.14 13.72
C ASN A 145 4.08 -7.74 12.38
N LEU A 146 5.41 -7.83 12.31
CA LEU A 146 6.13 -7.58 11.05
C LEU A 146 7.10 -8.76 10.78
N ALA A 147 7.21 -9.18 9.51
CA ALA A 147 8.23 -10.14 9.09
C ALA A 147 9.24 -9.32 8.24
N ALA A 148 10.54 -9.50 8.48
CA ALA A 148 11.63 -8.89 7.69
C ALA A 148 12.05 -9.91 6.63
N CYS A 149 12.16 -9.42 5.38
CA CYS A 149 12.53 -10.22 4.21
C CYS A 149 13.57 -9.51 3.41
N GLN A 150 14.43 -10.29 2.73
CA GLN A 150 15.27 -9.73 1.68
C GLN A 150 14.58 -9.97 0.34
N ASN A 151 14.24 -8.89 -0.37
CA ASN A 151 13.69 -9.00 -1.74
C ASN A 151 14.67 -8.25 -2.65
N GLY A 152 15.21 -8.96 -3.65
CA GLY A 152 16.26 -8.32 -4.46
C GLY A 152 17.48 -8.08 -3.58
N MET A 153 17.94 -6.83 -3.60
CA MET A 153 19.11 -6.38 -2.83
C MET A 153 18.72 -5.61 -1.56
N ASN A 154 17.41 -5.59 -1.24
CA ASN A 154 16.89 -4.77 -0.14
C ASN A 154 16.21 -5.59 0.95
N ILE A 155 16.03 -4.98 2.11
N ILE A 155 16.08 -4.96 2.12
CA ILE A 155 15.23 -5.62 3.15
CA ILE A 155 15.31 -5.47 3.26
C ILE A 155 14.00 -4.75 3.39
C ILE A 155 13.96 -4.70 3.31
N TYR A 156 12.85 -5.43 3.46
CA TYR A 156 11.55 -4.79 3.69
C TYR A 156 10.93 -5.45 4.92
N PHE A 157 10.00 -4.74 5.56
CA PHE A 157 9.20 -5.35 6.66
C PHE A 157 7.75 -5.44 6.15
N TYR A 158 7.09 -6.58 6.36
CA TYR A 158 5.71 -6.76 5.91
C TYR A 158 4.83 -7.03 7.12
N THR A 159 3.66 -6.38 7.24
CA THR A 159 2.79 -6.72 8.38
C THR A 159 2.18 -8.13 8.11
N ILE A 160 2.21 -8.97 9.13
CA ILE A 160 1.66 -10.33 9.04
C ILE A 160 0.34 -10.44 9.78
N LYS A 161 -0.05 -9.34 10.41
N LYS A 161 -0.05 -9.33 10.37
CA LYS A 161 -1.36 -9.22 11.04
CA LYS A 161 -1.38 -9.18 10.94
C LYS A 161 -1.71 -7.73 11.12
C LYS A 161 -1.73 -7.69 10.99
N PRO A 162 -3.02 -7.37 11.24
CA PRO A 162 -3.33 -5.93 11.37
C PRO A 162 -2.68 -5.34 12.60
N ILE A 163 -2.34 -4.06 12.53
CA ILE A 163 -1.77 -3.35 13.69
C ILE A 163 -2.79 -2.24 14.00
N PRO A 164 -3.59 -2.45 15.03
CA PRO A 164 -4.48 -1.36 15.43
C PRO A 164 -3.74 -0.09 15.80
N ALA A 165 -4.44 1.04 15.75
CA ALA A 165 -3.86 2.32 16.12
C ALA A 165 -3.18 2.27 17.51
N ASN A 166 -2.03 2.92 17.61
CA ASN A 166 -1.29 3.11 18.87
C ASN A 166 -0.74 1.80 19.46
N GLN A 167 -0.35 0.87 18.58
CA GLN A 167 0.25 -0.42 18.97
C GLN A 167 1.68 -0.45 18.41
N GLU A 168 2.60 -1.06 19.15
CA GLU A 168 4.00 -1.04 18.74
C GLU A 168 4.25 -1.99 17.56
N LEU A 169 5.11 -1.55 16.63
CA LEU A 169 5.58 -2.44 15.55
C LEU A 169 6.69 -3.32 16.09
N LEU A 170 6.58 -4.64 15.90
CA LEU A 170 7.57 -5.57 16.46
C LEU A 170 7.92 -6.60 15.39
N VAL A 171 9.21 -6.62 15.06
CA VAL A 171 9.65 -7.37 13.87
C VAL A 171 10.39 -8.64 14.24
N TRP A 172 10.27 -9.65 13.37
CA TRP A 172 11.20 -10.78 13.41
C TRP A 172 11.45 -11.23 11.95
N TYR A 173 12.57 -11.90 11.73
CA TYR A 173 12.92 -12.45 10.43
C TYR A 173 11.82 -13.39 9.92
N CYS A 174 11.57 -13.39 8.60
CA CYS A 174 10.75 -14.43 8.00
C CYS A 174 11.52 -15.77 8.07
N ARG A 175 10.86 -16.88 7.75
CA ARG A 175 11.48 -18.19 7.93
C ARG A 175 12.82 -18.32 7.19
N ASP A 176 12.83 -17.92 5.92
CA ASP A 176 14.05 -18.14 5.12
C ASP A 176 15.21 -17.27 5.61
N PHE A 177 14.90 -16.04 6.03
CA PHE A 177 15.93 -15.12 6.53
C PHE A 177 16.44 -15.68 7.87
N ALA A 178 15.52 -16.05 8.78
CA ALA A 178 15.93 -16.68 10.06
C ALA A 178 16.84 -17.91 9.83
N GLU A 179 16.52 -18.70 8.82
CA GLU A 179 17.33 -19.91 8.53
C GLU A 179 18.72 -19.54 8.02
N ARG A 180 18.85 -18.47 7.23
CA ARG A 180 20.19 -18.01 6.82
C ARG A 180 21.04 -17.64 8.04
N LEU A 181 20.40 -17.11 9.08
CA LEU A 181 21.07 -16.65 10.31
C LEU A 181 21.19 -17.74 11.37
N HIS A 182 20.68 -18.95 11.07
CA HIS A 182 20.56 -20.03 12.07
C HIS A 182 19.87 -19.53 13.32
N TYR A 183 18.82 -18.73 13.10
CA TYR A 183 17.91 -18.24 14.17
C TYR A 183 16.58 -19.04 14.22
N PRO A 184 15.93 -19.06 15.40
CA PRO A 184 14.59 -19.64 15.54
C PRO A 184 13.62 -18.67 14.87
N TYR A 185 12.41 -19.15 14.64
CA TYR A 185 11.37 -18.33 14.00
C TYR A 185 9.98 -18.84 14.33
N PRO A 186 8.97 -17.95 14.31
CA PRO A 186 7.61 -18.41 14.52
C PRO A 186 7.22 -19.52 13.52
N GLY A 187 6.62 -20.59 14.02
CA GLY A 187 6.17 -21.64 13.12
C GLY A 187 7.20 -22.72 12.91
N GLU A 188 8.41 -22.52 13.44
CA GLU A 188 9.45 -23.58 13.38
C GLU A 188 8.95 -24.89 14.00
N LEU A 189 9.14 -25.99 13.30
CA LEU A 189 8.77 -27.32 13.85
C LEU A 189 9.74 -27.76 14.94
N THR A 190 9.20 -28.36 15.99
CA THR A 190 10.02 -28.94 17.08
C THR A 190 10.47 -30.36 16.69
N MET A 191 11.29 -30.99 17.53
CA MET A 191 11.67 -32.39 17.27
C MET A 191 10.43 -33.23 17.30
N MET A 192 9.52 -32.87 18.21
CA MET A 192 8.27 -33.62 18.39
C MET A 192 7.43 -33.61 17.11
N ASN A 193 7.27 -32.41 16.50
CA ASN A 193 6.55 -32.27 15.22
C ASN A 193 7.23 -33.08 14.11
N LEU A 194 8.56 -33.01 14.04
CA LEU A 194 9.29 -33.70 12.96
C LEU A 194 9.30 -35.22 13.05
N THR A 195 9.16 -35.73 14.29
CA THR A 195 9.25 -37.16 14.53
C THR A 195 7.88 -37.86 14.66
N GLN A 196 6.79 -37.08 14.74
CA GLN A 196 5.43 -37.65 14.78
C GLN A 196 4.37 -36.55 14.84
N ALA B 17 -6.00 17.50 6.50
CA ALA B 17 -6.53 16.10 6.52
C ALA B 17 -7.83 15.95 5.72
N ASP B 18 -8.52 17.05 5.45
CA ASP B 18 -9.72 17.02 4.61
C ASP B 18 -9.26 17.05 3.14
N MET B 19 -9.49 15.95 2.40
CA MET B 19 -8.89 15.79 1.06
C MET B 19 -9.76 16.32 -0.07
N THR B 20 -10.95 16.80 0.31
CA THR B 20 -11.96 17.33 -0.62
C THR B 20 -11.36 18.31 -1.61
N LEU B 21 -10.57 19.25 -1.12
CA LEU B 21 -10.06 20.27 -2.02
C LEU B 21 -8.59 20.09 -2.42
N TRP B 22 -8.00 18.91 -2.14
CA TRP B 22 -6.64 18.67 -2.56
C TRP B 22 -6.47 18.75 -4.08
N THR B 23 -5.30 19.23 -4.48
CA THR B 23 -4.91 19.20 -5.88
C THR B 23 -4.45 17.80 -6.22
N GLU B 24 -4.41 17.49 -7.53
CA GLU B 24 -3.87 16.21 -7.98
C GLU B 24 -2.44 15.97 -7.48
N ALA B 25 -1.63 17.04 -7.47
CA ALA B 25 -0.25 16.92 -6.94
C ALA B 25 -0.26 16.56 -5.46
N GLU B 26 -1.20 17.12 -4.71
CA GLU B 26 -1.30 16.85 -3.27
C GLU B 26 -1.71 15.43 -3.01
N PHE B 27 -2.67 14.90 -3.78
CA PHE B 27 -2.97 13.45 -3.66
C PHE B 27 -1.73 12.59 -3.86
N GLU B 28 -0.95 12.86 -4.92
CA GLU B 28 0.23 12.07 -5.23
C GLU B 28 1.32 12.19 -4.10
N GLU B 29 1.46 13.40 -3.59
CA GLU B 29 2.55 13.68 -2.66
C GLU B 29 2.22 13.18 -1.26
N LYS B 30 0.94 13.19 -0.91
CA LYS B 30 0.50 12.89 0.46
C LYS B 30 -0.23 11.56 0.65
N CYS B 31 -0.34 10.79 -0.44
CA CYS B 31 -0.83 9.40 -0.46
C CYS B 31 -0.03 8.63 0.62
N THR B 32 -0.71 7.79 1.40
CA THR B 32 -0.02 6.89 2.36
C THR B 32 0.23 5.46 1.82
N TYR B 33 -0.81 4.83 1.24
CA TYR B 33 -0.73 3.40 0.85
C TYR B 33 -0.93 3.34 -0.65
N ILE B 34 -0.14 2.49 -1.30
CA ILE B 34 -0.34 2.21 -2.73
C ILE B 34 -0.77 0.75 -2.86
N VAL B 35 -1.82 0.55 -3.66
CA VAL B 35 -2.33 -0.78 -3.91
C VAL B 35 -2.26 -1.04 -5.42
N ASN B 36 -1.39 -1.99 -5.81
CA ASN B 36 -1.30 -2.37 -7.24
C ASN B 36 -2.35 -3.42 -7.60
N ASP B 37 -2.66 -3.52 -8.90
CA ASP B 37 -3.57 -4.54 -9.35
C ASP B 37 -3.07 -5.93 -9.03
N HIS B 38 -3.98 -6.89 -9.03
CA HIS B 38 -3.61 -8.29 -8.86
C HIS B 38 -2.78 -8.72 -10.07
N PRO B 39 -1.62 -9.41 -9.81
CA PRO B 39 -0.80 -9.97 -10.90
C PRO B 39 -1.57 -10.93 -11.82
N VAL B 50 -10.72 -12.97 -17.67
CA VAL B 50 -10.76 -11.67 -18.40
C VAL B 50 -10.02 -10.66 -17.54
N GLN B 51 -9.22 -9.82 -18.17
CA GLN B 51 -8.34 -8.87 -17.47
C GLN B 51 -9.14 -8.03 -16.47
N ALA B 52 -10.30 -7.53 -16.90
CA ALA B 52 -11.08 -6.64 -16.00
C ALA B 52 -11.43 -7.28 -14.66
N GLU B 53 -11.70 -8.58 -14.67
CA GLU B 53 -11.98 -9.29 -13.43
C GLU B 53 -10.73 -9.79 -12.71
N ALA B 54 -9.78 -10.34 -13.47
CA ALA B 54 -8.56 -10.98 -12.93
C ALA B 54 -7.64 -9.99 -12.19
N SER B 55 -7.73 -8.72 -12.60
CA SER B 55 -6.85 -7.65 -12.10
C SER B 55 -7.29 -7.12 -10.73
N LEU B 56 -8.48 -7.50 -10.26
CA LEU B 56 -8.99 -6.96 -8.99
C LEU B 56 -8.04 -7.22 -7.82
N PRO B 57 -7.57 -6.14 -7.13
CA PRO B 57 -6.67 -6.36 -5.96
C PRO B 57 -7.29 -7.21 -4.83
N ARG B 58 -6.42 -7.84 -4.03
CA ARG B 58 -6.90 -8.84 -3.06
C ARG B 58 -7.66 -8.25 -1.88
N ASN B 59 -7.64 -6.92 -1.74
CA ASN B 59 -8.42 -6.25 -0.71
C ASN B 59 -9.86 -5.90 -1.13
N LEU B 60 -10.22 -6.25 -2.36
CA LEU B 60 -11.55 -5.91 -2.88
C LEU B 60 -12.33 -7.17 -3.31
N LEU B 61 -13.63 -7.00 -3.49
CA LEU B 61 -14.48 -8.06 -4.02
C LEU B 61 -15.45 -7.39 -5.00
N PHE B 62 -15.94 -8.15 -5.97
CA PHE B 62 -17.04 -7.63 -6.77
C PHE B 62 -18.39 -7.79 -6.07
N LYS B 63 -19.28 -6.84 -6.35
CA LYS B 63 -20.70 -6.93 -6.01
C LYS B 63 -21.38 -7.53 -7.23
N TYR B 64 -22.23 -8.54 -7.02
CA TYR B 64 -22.85 -9.26 -8.13
C TYR B 64 -24.36 -9.12 -8.14
N ALA B 65 -24.94 -9.24 -9.32
CA ALA B 65 -26.39 -9.24 -9.51
C ALA B 65 -26.96 -10.49 -8.83
N THR B 66 -28.18 -10.41 -8.31
CA THR B 66 -28.89 -11.65 -7.91
C THR B 66 -29.21 -12.43 -9.18
N SER B 68 -27.17 -13.85 -11.08
CA SER B 68 -26.18 -14.11 -12.12
C SER B 68 -24.74 -13.80 -11.66
N GLU B 69 -23.78 -13.96 -12.58
CA GLU B 69 -22.41 -13.57 -12.29
C GLU B 69 -22.06 -12.21 -12.92
N GLU B 70 -23.09 -11.39 -13.19
CA GLU B 70 -22.86 -10.06 -13.70
C GLU B 70 -22.33 -9.20 -12.56
N VAL B 71 -21.18 -8.58 -12.80
CA VAL B 71 -20.60 -7.65 -11.82
C VAL B 71 -21.33 -6.31 -11.89
N ILE B 72 -21.80 -5.81 -10.75
CA ILE B 72 -22.52 -4.56 -10.71
C ILE B 72 -21.87 -3.48 -9.83
N GLY B 73 -20.66 -3.75 -9.32
CA GLY B 73 -19.97 -2.73 -8.49
C GLY B 73 -18.76 -3.42 -7.86
N VAL B 74 -18.00 -2.63 -7.10
CA VAL B 74 -16.83 -3.12 -6.34
C VAL B 74 -16.98 -2.77 -4.87
N MET B 75 -16.67 -3.73 -4.02
CA MET B 75 -16.82 -3.51 -2.59
C MET B 75 -15.47 -3.82 -1.90
N SER B 76 -15.29 -3.29 -0.70
CA SER B 76 -14.11 -3.65 0.10
C SER B 76 -14.25 -5.08 0.67
N LYS B 77 -13.14 -5.81 0.73
CA LYS B 77 -13.11 -7.14 1.36
C LYS B 77 -12.74 -6.98 2.84
N GLU B 78 -12.11 -5.86 3.15
CA GLU B 78 -11.51 -5.55 4.45
C GLU B 78 -11.52 -4.04 4.62
N TYR B 79 -11.12 -3.57 5.80
CA TYR B 79 -10.99 -2.13 6.07
C TYR B 79 -9.91 -1.53 5.13
N ILE B 80 -10.31 -0.55 4.33
CA ILE B 80 -9.38 0.14 3.44
C ILE B 80 -9.07 1.50 4.06
N PRO B 81 -7.79 1.76 4.37
CA PRO B 81 -7.48 3.06 4.99
C PRO B 81 -7.73 4.27 4.08
N LYS B 82 -7.99 5.41 4.71
CA LYS B 82 -7.97 6.71 4.01
C LYS B 82 -6.56 6.89 3.44
N GLY B 83 -6.49 7.51 2.26
CA GLY B 83 -5.19 7.85 1.72
C GLY B 83 -4.56 6.67 0.99
N THR B 84 -5.40 5.81 0.43
CA THR B 84 -4.94 4.66 -0.37
C THR B 84 -5.13 4.92 -1.85
N ARG B 85 -4.12 4.61 -2.65
CA ARG B 85 -4.19 4.83 -4.10
C ARG B 85 -4.40 3.49 -4.82
N PHE B 86 -5.36 3.49 -5.73
CA PHE B 86 -5.64 2.37 -6.63
C PHE B 86 -5.31 2.86 -8.04
N GLY B 87 -4.94 1.91 -8.90
CA GLY B 87 -4.63 2.25 -10.29
C GLY B 87 -3.19 1.94 -10.64
N PRO B 88 -2.77 2.35 -11.86
CA PRO B 88 -3.57 3.23 -12.79
C PRO B 88 -4.72 2.49 -13.49
N LEU B 89 -5.65 3.30 -13.96
CA LEU B 89 -6.73 2.87 -14.85
C LEU B 89 -6.11 2.27 -16.11
N ILE B 90 -6.62 1.13 -16.52
CA ILE B 90 -6.17 0.49 -17.78
C ILE B 90 -7.38 0.41 -18.72
N GLY B 91 -7.18 0.81 -19.98
CA GLY B 91 -8.22 0.67 -21.00
C GLY B 91 -7.58 0.94 -22.35
N GLU B 92 -8.38 0.79 -23.39
CA GLU B 92 -7.95 1.19 -24.75
C GLU B 92 -7.82 2.69 -24.85
N ILE B 93 -6.83 3.16 -25.59
CA ILE B 93 -6.62 4.59 -25.68
C ILE B 93 -6.97 5.08 -27.07
N TYR B 94 -7.72 6.17 -27.12
CA TYR B 94 -8.20 6.79 -28.37
C TYR B 94 -7.90 8.29 -28.36
N THR B 95 -7.51 8.83 -29.52
CA THR B 95 -7.55 10.29 -29.72
C THR B 95 -8.77 10.54 -30.60
N ASN B 96 -9.09 11.81 -30.82
CA ASN B 96 -10.20 12.16 -31.70
C ASN B 96 -9.99 11.57 -33.09
N ASP B 97 -8.78 11.71 -33.64
CA ASP B 97 -8.48 11.17 -34.98
C ASP B 97 -8.56 9.63 -35.08
N THR B 98 -8.57 8.94 -33.94
CA THR B 98 -8.55 7.46 -33.90
C THR B 98 -9.81 6.78 -33.26
N VAL B 99 -10.70 7.56 -32.65
CA VAL B 99 -11.85 7.02 -31.90
C VAL B 99 -12.87 6.30 -32.81
N PRO B 100 -13.29 5.06 -32.46
CA PRO B 100 -14.20 4.32 -33.34
C PRO B 100 -15.52 5.03 -33.56
N ASN B 104 -19.56 3.84 -27.79
CA ASN B 104 -19.84 3.79 -26.34
C ASN B 104 -18.83 4.61 -25.57
N ARG B 105 -19.30 5.68 -24.92
CA ARG B 105 -18.42 6.62 -24.23
C ARG B 105 -18.65 6.58 -22.72
N LYS B 106 -19.48 5.66 -22.26
CA LYS B 106 -19.81 5.53 -20.84
C LYS B 106 -18.60 5.17 -19.98
N TYR B 107 -17.61 4.49 -20.58
CA TYR B 107 -16.42 4.06 -19.83
C TYR B 107 -15.19 4.87 -20.17
N PHE B 108 -15.40 6.01 -20.82
CA PHE B 108 -14.31 6.92 -21.17
C PHE B 108 -13.80 7.74 -19.98
N TRP B 109 -12.49 7.91 -19.94
CA TRP B 109 -11.84 8.85 -19.04
C TRP B 109 -10.92 9.76 -19.85
N ARG B 110 -11.04 11.04 -19.61
CA ARG B 110 -10.24 12.00 -20.38
C ARG B 110 -8.88 12.31 -19.77
N ILE B 111 -7.84 12.36 -20.63
CA ILE B 111 -6.50 12.73 -20.20
C ILE B 111 -6.11 14.04 -20.88
N TYR B 112 -5.57 14.97 -20.09
CA TYR B 112 -5.22 16.32 -20.55
C TYR B 112 -3.72 16.52 -20.56
N SER B 113 -3.24 17.34 -21.48
CA SER B 113 -1.84 17.70 -21.51
C SER B 113 -1.75 19.19 -21.79
N ARG B 114 -1.01 19.92 -20.97
CA ARG B 114 -0.85 21.38 -21.09
C ARG B 114 -2.21 22.06 -21.31
N GLY B 115 -3.16 21.67 -20.47
CA GLY B 115 -4.50 22.25 -20.43
C GLY B 115 -5.40 21.99 -21.62
N GLU B 116 -5.05 21.01 -22.46
CA GLU B 116 -5.89 20.62 -23.59
C GLU B 116 -6.16 19.12 -23.53
N LEU B 117 -7.35 18.73 -23.97
CA LEU B 117 -7.70 17.32 -24.06
C LEU B 117 -6.71 16.63 -24.97
N HIS B 118 -6.08 15.56 -24.50
CA HIS B 118 -5.11 14.86 -25.33
C HIS B 118 -5.61 13.52 -25.83
N HIS B 119 -6.18 12.69 -24.94
CA HIS B 119 -6.72 11.39 -25.35
C HIS B 119 -7.77 10.88 -24.37
N PHE B 120 -8.44 9.80 -24.74
CA PHE B 120 -9.39 9.10 -23.87
C PHE B 120 -8.85 7.72 -23.51
N ILE B 121 -9.13 7.26 -22.28
CA ILE B 121 -8.92 5.87 -21.90
C ILE B 121 -10.31 5.27 -21.82
N ASP B 122 -10.55 4.18 -22.56
CA ASP B 122 -11.86 3.60 -22.65
C ASP B 122 -11.86 2.23 -21.94
N GLY B 123 -12.60 2.15 -20.83
CA GLY B 123 -12.65 0.92 -20.04
C GLY B 123 -13.72 -0.08 -20.46
N PHE B 124 -14.35 0.14 -21.62
CA PHE B 124 -15.52 -0.69 -22.01
C PHE B 124 -15.18 -2.18 -22.24
N ASN B 125 -14.13 -2.42 -23.01
CA ASN B 125 -13.71 -3.78 -23.33
C ASN B 125 -13.06 -4.49 -22.14
N GLU B 126 -13.77 -5.48 -21.58
CA GLU B 126 -13.28 -6.16 -20.35
C GLU B 126 -11.98 -6.97 -20.57
N GLU B 127 -11.64 -7.25 -21.82
CA GLU B 127 -10.39 -7.97 -22.08
C GLU B 127 -9.17 -7.03 -22.13
N LYS B 128 -9.39 -5.72 -22.28
CA LYS B 128 -8.30 -4.74 -22.46
C LYS B 128 -8.42 -3.61 -21.42
N SER B 129 -9.15 -3.90 -20.34
N SER B 129 -9.13 -3.91 -20.33
CA SER B 129 -9.39 -2.92 -19.27
CA SER B 129 -9.32 -2.94 -19.26
C SER B 129 -9.26 -3.60 -17.93
C SER B 129 -9.06 -3.64 -17.95
N ASN B 130 -8.88 -2.85 -16.90
CA ASN B 130 -8.80 -3.41 -15.55
C ASN B 130 -10.08 -3.17 -14.76
N TRP B 131 -10.07 -3.61 -13.50
CA TRP B 131 -11.25 -3.69 -12.66
C TRP B 131 -11.87 -2.32 -12.36
N MET B 132 -11.09 -1.23 -12.57
CA MET B 132 -11.57 0.11 -12.23
C MET B 132 -12.82 0.49 -13.03
N ARG B 133 -13.01 -0.19 -14.17
CA ARG B 133 -14.20 0.08 -15.00
C ARG B 133 -15.52 -0.24 -14.25
N TYR B 134 -15.42 -1.10 -13.22
CA TYR B 134 -16.61 -1.58 -12.50
C TYR B 134 -17.01 -0.71 -11.31
N VAL B 135 -16.17 0.28 -10.97
CA VAL B 135 -16.47 1.11 -9.80
C VAL B 135 -17.58 2.11 -10.15
N ASN B 136 -18.65 2.13 -9.38
CA ASN B 136 -19.77 3.03 -9.65
C ASN B 136 -19.51 4.46 -9.19
N PRO B 137 -20.17 5.42 -9.83
CA PRO B 137 -20.00 6.78 -9.33
C PRO B 137 -20.78 7.10 -8.04
N ALA B 138 -20.23 8.01 -7.25
CA ALA B 138 -20.93 8.47 -6.04
C ALA B 138 -22.10 9.38 -6.45
N HIS B 139 -23.24 9.25 -5.77
CA HIS B 139 -24.39 10.18 -6.03
C HIS B 139 -24.33 11.50 -5.24
N SER B 140 -23.47 11.58 -4.23
CA SER B 140 -23.48 12.71 -3.31
C SER B 140 -22.13 12.78 -2.63
N PRO B 141 -21.75 13.96 -2.11
CA PRO B 141 -20.53 14.06 -1.28
C PRO B 141 -20.50 13.03 -0.15
N ARG B 142 -21.65 12.75 0.47
CA ARG B 142 -21.71 11.82 1.59
C ARG B 142 -21.33 10.39 1.17
N GLU B 143 -21.73 10.00 -0.04
CA GLU B 143 -21.52 8.65 -0.55
C GLU B 143 -20.07 8.45 -1.05
N GLN B 144 -19.45 9.53 -1.53
CA GLN B 144 -18.10 9.45 -2.17
C GLN B 144 -17.03 8.92 -1.20
N ASN B 145 -16.29 7.87 -1.58
CA ASN B 145 -15.12 7.50 -0.79
C ASN B 145 -13.86 7.41 -1.64
N LEU B 146 -14.00 7.67 -2.96
CA LEU B 146 -12.82 7.74 -3.87
C LEU B 146 -12.81 9.03 -4.68
N ALA B 147 -11.63 9.64 -4.82
CA ALA B 147 -11.41 10.78 -5.75
C ALA B 147 -10.60 10.24 -6.95
N ALA B 148 -11.09 10.49 -8.17
CA ALA B 148 -10.30 10.21 -9.39
C ALA B 148 -9.46 11.42 -9.77
N CYS B 149 -8.18 11.16 -10.04
CA CYS B 149 -7.16 12.17 -10.31
C CYS B 149 -6.35 11.76 -11.52
N GLN B 150 -5.91 12.73 -12.33
CA GLN B 150 -4.87 12.44 -13.29
C GLN B 150 -3.55 12.84 -12.66
N ASN B 151 -2.61 11.89 -12.62
CA ASN B 151 -1.22 12.12 -12.27
C ASN B 151 -0.35 11.59 -13.41
N GLY B 152 0.48 12.47 -13.95
CA GLY B 152 1.29 12.12 -15.15
C GLY B 152 0.32 11.91 -16.31
N MET B 153 0.43 10.75 -16.95
CA MET B 153 -0.45 10.40 -18.04
C MET B 153 -1.52 9.39 -17.60
N ASN B 154 -1.64 9.18 -16.28
CA ASN B 154 -2.53 8.12 -15.77
C ASN B 154 -3.64 8.66 -14.92
N ILE B 155 -4.69 7.85 -14.80
CA ILE B 155 -5.78 8.10 -13.83
C ILE B 155 -5.62 7.12 -12.64
N TYR B 156 -5.73 7.68 -11.43
CA TYR B 156 -5.74 6.90 -10.18
C TYR B 156 -7.00 7.25 -9.39
N PHE B 157 -7.43 6.33 -8.51
CA PHE B 157 -8.50 6.62 -7.54
C PHE B 157 -7.86 6.59 -6.15
N TYR B 158 -8.10 7.64 -5.36
CA TYR B 158 -7.55 7.75 -3.99
C TYR B 158 -8.68 7.71 -2.98
N THR B 159 -8.54 6.92 -1.91
CA THR B 159 -9.62 6.95 -0.89
C THR B 159 -9.52 8.26 -0.09
N ILE B 160 -10.69 8.90 0.10
CA ILE B 160 -10.74 10.18 0.79
C ILE B 160 -11.32 10.04 2.19
N LYS B 161 -11.68 8.80 2.48
CA LYS B 161 -12.14 8.42 3.82
C LYS B 161 -11.91 6.93 3.95
N PRO B 162 -11.89 6.43 5.19
CA PRO B 162 -11.80 4.97 5.34
C PRO B 162 -12.99 4.24 4.71
N ILE B 163 -12.78 3.02 4.23
CA ILE B 163 -13.86 2.23 3.67
C ILE B 163 -13.92 0.96 4.56
N PRO B 164 -14.86 0.90 5.52
CA PRO B 164 -14.98 -0.35 6.28
C PRO B 164 -15.25 -1.54 5.40
N ALA B 165 -15.00 -2.75 5.91
CA ALA B 165 -15.24 -3.97 5.19
C ALA B 165 -16.67 -4.06 4.64
N ASN B 166 -16.78 -4.69 3.47
CA ASN B 166 -18.04 -4.97 2.77
C ASN B 166 -18.88 -3.73 2.46
N GLN B 167 -18.21 -2.62 2.17
CA GLN B 167 -18.85 -1.37 1.75
C GLN B 167 -18.47 -1.03 0.29
N GLU B 168 -19.39 -0.40 -0.45
CA GLU B 168 -19.13 -0.13 -1.86
C GLU B 168 -18.12 1.00 -2.04
N LEU B 169 -17.24 0.82 -3.05
CA LEU B 169 -16.37 1.89 -3.54
C LEU B 169 -17.16 2.74 -4.49
N LEU B 170 -17.15 4.05 -4.24
CA LEU B 170 -17.96 5.04 -4.99
C LEU B 170 -17.11 6.27 -5.31
N VAL B 171 -16.90 6.50 -6.61
CA VAL B 171 -15.90 7.48 -7.05
C VAL B 171 -16.56 8.74 -7.59
N TRP B 172 -15.86 9.85 -7.45
CA TRP B 172 -16.14 11.06 -8.20
C TRP B 172 -14.83 11.77 -8.52
N TYR B 173 -14.87 12.64 -9.51
CA TYR B 173 -13.71 13.43 -9.89
C TYR B 173 -13.15 14.27 -8.76
N CYS B 174 -11.82 14.39 -8.65
CA CYS B 174 -11.28 15.38 -7.72
C CYS B 174 -11.58 16.81 -8.23
N ARG B 175 -11.25 17.82 -7.43
CA ARG B 175 -11.62 19.19 -7.78
C ARG B 175 -11.07 19.59 -9.16
N ASP B 176 -9.77 19.35 -9.38
CA ASP B 176 -9.10 19.85 -10.60
C ASP B 176 -9.68 19.15 -11.83
N PHE B 177 -9.92 17.85 -11.68
CA PHE B 177 -10.47 17.05 -12.77
C PHE B 177 -11.91 17.51 -13.07
N ALA B 178 -12.73 17.65 -12.02
CA ALA B 178 -14.12 18.14 -12.20
C ALA B 178 -14.11 19.51 -12.94
N GLU B 179 -13.22 20.40 -12.52
CA GLU B 179 -13.09 21.72 -13.18
C GLU B 179 -12.76 21.59 -14.63
N ARG B 180 -11.85 20.68 -15.01
CA ARG B 180 -11.52 20.50 -16.45
C ARG B 180 -12.76 20.10 -17.25
N LEU B 181 -13.67 19.36 -16.60
CA LEU B 181 -14.92 18.91 -17.23
C LEU B 181 -16.11 19.85 -17.08
N HIS B 182 -15.91 20.95 -16.36
CA HIS B 182 -17.02 21.86 -15.98
C HIS B 182 -18.12 21.16 -15.22
N TYR B 183 -17.71 20.23 -14.34
CA TYR B 183 -18.63 19.49 -13.50
C TYR B 183 -18.63 20.00 -12.06
N PRO B 184 -19.73 19.68 -11.33
CA PRO B 184 -19.77 20.02 -9.92
C PRO B 184 -18.90 19.02 -9.14
N TYR B 185 -18.55 19.40 -7.92
CA TYR B 185 -17.75 18.54 -7.07
C TYR B 185 -17.99 18.94 -5.62
N PRO B 186 -17.75 18.00 -4.69
CA PRO B 186 -17.84 18.30 -3.26
C PRO B 186 -16.94 19.45 -2.91
N GLY B 187 -17.47 20.43 -2.17
CA GLY B 187 -16.63 21.53 -1.68
C GLY B 187 -16.59 22.71 -2.64
N GLU B 188 -17.29 22.58 -3.77
CA GLU B 188 -17.32 23.65 -4.75
C GLU B 188 -17.89 24.89 -4.09
N LEU B 189 -17.25 26.01 -4.35
CA LEU B 189 -17.74 27.26 -3.82
C LEU B 189 -19.05 27.66 -4.51
N THR B 190 -19.89 28.35 -3.76
CA THR B 190 -21.21 28.81 -4.23
C THR B 190 -21.16 30.30 -4.55
N MET B 191 -22.22 30.84 -5.18
CA MET B 191 -22.33 32.30 -5.35
C MET B 191 -22.24 33.02 -4.00
N MET B 192 -22.93 32.45 -3.01
N MET B 192 -22.93 32.51 -2.98
CA MET B 192 -22.97 32.94 -1.64
CA MET B 192 -22.88 33.13 -1.66
C MET B 192 -21.55 33.06 -1.07
C MET B 192 -21.46 33.14 -1.14
N ASN B 193 -20.74 32.01 -1.28
CA ASN B 193 -19.31 32.00 -0.88
C ASN B 193 -18.46 33.06 -1.56
N LEU B 194 -18.63 33.20 -2.88
CA LEU B 194 -17.79 34.10 -3.67
C LEU B 194 -18.08 35.58 -3.46
N THR B 195 -19.27 35.88 -2.91
CA THR B 195 -19.74 37.26 -2.70
C THR B 195 -19.88 37.64 -1.21
N GLN B 196 -19.53 36.72 -0.31
CA GLN B 196 -19.55 36.95 1.15
C GLN B 196 -18.70 38.16 1.56
#